data_8SDO
#
_entry.id   8SDO
#
_cell.length_a   53.941
_cell.length_b   53.941
_cell.length_c   159.522
_cell.angle_alpha   90.000
_cell.angle_beta   90.000
_cell.angle_gamma   90.000
#
_symmetry.space_group_name_H-M   'P 43 2 2'
#
loop_
_entity.id
_entity.type
_entity.pdbx_description
1 polymer 'ATPase family AAA domain-containing protein 2'
2 polymer 'Histone H4'
3 water water
#
loop_
_entity_poly.entity_id
_entity_poly.type
_entity_poly.pdbx_seq_one_letter_code
_entity_poly.pdbx_strand_id
1 'polypeptide(L)'
;GPLGSEPRSLTAEEVKRLEEQEEDTFRELRIFLRNVTHRLAIDKRFRVFTKPVDPDEVPDYVTVIKQPMDLSSVISKIDL
HKYLTVKDYLRDIDLICSNALEYNPDRDPGDRLIRHRACALRDTAYAIIKEELDEDFEQLAEEIQESRKKRG
;
A
2 'polypeptide(L)' CGRG(ALY)GGKGLGKGGA B
#
# COMPACT_ATOMS: atom_id res chain seq x y z
N GLU A 19 -3.52 22.22 18.84
CA GLU A 19 -4.95 21.94 18.97
C GLU A 19 -5.58 21.72 17.59
N GLU A 20 -6.44 22.63 17.12
CA GLU A 20 -7.16 22.42 15.87
CA GLU A 20 -7.17 22.41 15.87
C GLU A 20 -6.22 22.10 14.71
N GLN A 21 -5.04 22.72 14.69
CA GLN A 21 -4.14 22.59 13.54
C GLN A 21 -3.62 21.16 13.35
N GLU A 22 -3.51 20.38 14.43
CA GLU A 22 -3.00 19.03 14.26
C GLU A 22 -3.95 18.21 13.39
N GLU A 23 -5.26 18.40 13.55
CA GLU A 23 -6.21 17.63 12.77
C GLU A 23 -6.34 18.12 11.33
N ASP A 24 -6.02 19.39 11.04
CA ASP A 24 -6.00 19.78 9.64
C ASP A 24 -4.85 19.12 8.90
N THR A 25 -3.71 18.94 9.56
CA THR A 25 -2.65 18.13 8.98
C THR A 25 -3.15 16.75 8.61
N PHE A 26 -3.89 16.11 9.49
CA PHE A 26 -4.31 14.74 9.22
C PHE A 26 -5.42 14.70 8.17
N ARG A 27 -6.36 15.65 8.23
CA ARG A 27 -7.36 15.76 7.17
C ARG A 27 -6.65 15.91 5.83
N GLU A 28 -5.65 16.78 5.77
CA GLU A 28 -5.00 17.03 4.49
C GLU A 28 -4.22 15.80 4.05
N LEU A 29 -3.58 15.11 4.99
CA LEU A 29 -2.89 13.86 4.68
C LEU A 29 -3.85 12.83 4.10
N ARG A 30 -5.03 12.67 4.72
CA ARG A 30 -5.99 11.68 4.22
C ARG A 30 -6.44 12.02 2.80
N ILE A 31 -6.72 13.31 2.53
CA ILE A 31 -7.13 13.66 1.18
C ILE A 31 -6.02 13.32 0.19
N PHE A 32 -4.77 13.64 0.55
CA PHE A 32 -3.65 13.30 -0.31
C PHE A 32 -3.54 11.81 -0.51
N LEU A 33 -3.66 11.05 0.58
CA LEU A 33 -3.51 9.60 0.49
C LEU A 33 -4.63 8.99 -0.34
N ARG A 34 -5.87 9.48 -0.16
CA ARG A 34 -6.99 9.03 -0.99
C ARG A 34 -6.69 9.22 -2.47
N ASN A 35 -6.09 10.37 -2.80
CA ASN A 35 -5.81 10.71 -4.20
C ASN A 35 -4.71 9.84 -4.78
N VAL A 36 -3.66 9.59 -4.00
CA VAL A 36 -2.60 8.69 -4.45
C VAL A 36 -3.16 7.27 -4.65
N THR A 37 -3.90 6.76 -3.66
CA THR A 37 -4.38 5.39 -3.75
C THR A 37 -5.30 5.19 -4.94
N HIS A 38 -6.14 6.19 -5.22
CA HIS A 38 -7.05 6.09 -6.36
C HIS A 38 -6.27 6.02 -7.66
N ARG A 39 -5.18 6.76 -7.75
CA ARG A 39 -4.35 6.69 -8.96
C ARG A 39 -3.73 5.32 -9.13
N LEU A 40 -3.26 4.74 -8.02
CA LEU A 40 -2.72 3.39 -8.07
C LEU A 40 -3.80 2.37 -8.41
N ALA A 41 -4.99 2.53 -7.83
CA ALA A 41 -6.02 1.50 -7.95
C ALA A 41 -6.66 1.47 -9.33
N ILE A 42 -6.63 2.58 -10.08
CA ILE A 42 -7.18 2.59 -11.43
C ILE A 42 -6.13 2.24 -12.49
N ASP A 43 -4.87 2.19 -12.12
CA ASP A 43 -3.81 1.72 -13.00
C ASP A 43 -3.99 0.25 -13.32
N LYS A 44 -4.18 -0.07 -14.61
CA LYS A 44 -4.43 -1.46 -15.00
C LYS A 44 -3.34 -2.41 -14.52
N ARG A 45 -2.10 -1.94 -14.41
CA ARG A 45 -1.03 -2.81 -13.92
C ARG A 45 -1.33 -3.38 -12.55
N PHE A 46 -2.11 -2.68 -11.72
CA PHE A 46 -2.24 -3.02 -10.32
C PHE A 46 -3.60 -3.59 -9.95
N ARG A 47 -4.39 -3.98 -10.95
CA ARG A 47 -5.70 -4.57 -10.68
C ARG A 47 -5.60 -5.72 -9.68
N VAL A 48 -4.57 -6.55 -9.81
CA VAL A 48 -4.40 -7.71 -8.94
C VAL A 48 -4.20 -7.30 -7.49
N PHE A 49 -3.83 -6.04 -7.24
CA PHE A 49 -3.64 -5.58 -5.87
C PHE A 49 -4.81 -4.79 -5.32
N THR A 50 -5.92 -4.68 -6.07
CA THR A 50 -7.04 -3.85 -5.65
C THR A 50 -8.04 -4.56 -4.78
N LYS A 51 -7.92 -5.88 -4.62
CA LYS A 51 -8.77 -6.69 -3.77
C LYS A 51 -7.92 -7.65 -2.96
N PRO A 52 -8.37 -8.07 -1.78
CA PRO A 52 -7.61 -9.08 -1.02
C PRO A 52 -7.43 -10.36 -1.83
N VAL A 53 -6.29 -11.03 -1.57
CA VAL A 53 -6.09 -12.35 -2.13
C VAL A 53 -7.17 -13.28 -1.58
N ASP A 54 -7.74 -14.11 -2.45
CA ASP A 54 -8.91 -14.90 -2.08
C ASP A 54 -8.47 -16.26 -1.57
N PRO A 55 -8.66 -16.57 -0.28
CA PRO A 55 -8.23 -17.89 0.24
C PRO A 55 -8.87 -19.05 -0.49
N ASP A 56 -10.03 -18.85 -1.13
CA ASP A 56 -10.63 -19.93 -1.91
C ASP A 56 -9.83 -20.21 -3.17
N GLU A 57 -9.29 -19.14 -3.79
CA GLU A 57 -8.50 -19.31 -5.01
C GLU A 57 -7.06 -19.69 -4.71
N VAL A 58 -6.51 -19.18 -3.60
CA VAL A 58 -5.12 -19.42 -3.24
C VAL A 58 -5.08 -19.97 -1.81
N PRO A 59 -5.48 -21.24 -1.62
CA PRO A 59 -5.64 -21.75 -0.25
C PRO A 59 -4.36 -21.78 0.57
N ASP A 60 -3.19 -21.82 -0.07
CA ASP A 60 -1.95 -21.89 0.69
C ASP A 60 -1.39 -20.52 1.02
N TYR A 61 -2.08 -19.44 0.61
CA TYR A 61 -1.58 -18.09 0.85
C TYR A 61 -1.39 -17.81 2.33
N VAL A 62 -2.34 -18.25 3.15
CA VAL A 62 -2.28 -17.99 4.58
C VAL A 62 -1.15 -18.76 5.23
N THR A 63 -0.58 -19.75 4.55
CA THR A 63 0.55 -20.46 5.13
C THR A 63 1.87 -19.76 4.88
N VAL A 64 1.87 -18.73 4.04
CA VAL A 64 3.07 -17.98 3.71
C VAL A 64 3.01 -16.56 4.23
N ILE A 65 1.87 -15.90 4.08
CA ILE A 65 1.73 -14.46 4.31
C ILE A 65 0.94 -14.27 5.59
N LYS A 66 1.55 -13.65 6.59
CA LYS A 66 0.88 -13.50 7.88
C LYS A 66 -0.04 -12.29 7.89
N GLN A 67 0.36 -11.19 7.22
CA GLN A 67 -0.35 -9.92 7.16
C GLN A 67 -0.76 -9.54 5.75
N PRO A 68 -1.93 -9.98 5.29
CA PRO A 68 -2.36 -9.61 3.94
C PRO A 68 -2.61 -8.10 3.82
N MET A 69 -2.42 -7.56 2.63
CA MET A 69 -2.74 -6.15 2.42
C MET A 69 -3.02 -5.93 0.94
N ASP A 70 -3.93 -5.00 0.65
CA ASP A 70 -4.30 -4.68 -0.72
C ASP A 70 -4.84 -3.26 -0.73
N LEU A 71 -5.06 -2.74 -1.93
CA LEU A 71 -5.36 -1.32 -2.06
C LEU A 71 -6.74 -0.97 -1.54
N SER A 72 -7.70 -1.88 -1.62
CA SER A 72 -9.02 -1.61 -1.05
C SER A 72 -8.96 -1.55 0.47
N SER A 73 -8.11 -2.38 1.09
CA SER A 73 -7.88 -2.27 2.53
C SER A 73 -7.16 -0.97 2.87
N VAL A 74 -6.21 -0.56 2.03
CA VAL A 74 -5.53 0.71 2.24
C VAL A 74 -6.54 1.86 2.25
N ILE A 75 -7.52 1.81 1.34
CA ILE A 75 -8.52 2.87 1.26
C ILE A 75 -9.37 2.88 2.52
N SER A 76 -9.85 1.70 2.93
CA SER A 76 -10.60 1.61 4.17
C SER A 76 -9.78 2.15 5.34
N LYS A 77 -8.49 1.83 5.38
CA LYS A 77 -7.66 2.31 6.47
C LYS A 77 -7.51 3.83 6.45
N ILE A 78 -7.37 4.42 5.25
CA ILE A 78 -7.36 5.89 5.15
C ILE A 78 -8.63 6.45 5.77
N ASP A 79 -9.78 5.97 5.28
CA ASP A 79 -11.08 6.49 5.71
C ASP A 79 -11.29 6.31 7.20
N LEU A 80 -10.66 5.31 7.80
CA LEU A 80 -10.84 5.06 9.23
C LEU A 80 -9.70 5.62 10.06
N HIS A 81 -8.90 6.51 9.46
CA HIS A 81 -7.90 7.28 10.19
C HIS A 81 -6.81 6.38 10.76
N LYS A 82 -6.48 5.32 10.04
CA LYS A 82 -5.40 4.45 10.48
C LYS A 82 -4.02 4.91 10.03
N TYR A 83 -3.92 5.83 9.09
CA TYR A 83 -2.62 6.41 8.75
C TYR A 83 -2.55 7.83 9.29
N LEU A 84 -1.59 8.07 10.16
CA LEU A 84 -1.25 9.41 10.60
C LEU A 84 -0.06 9.98 9.85
N THR A 85 0.66 9.15 9.09
CA THR A 85 1.86 9.59 8.39
C THR A 85 1.91 8.92 7.02
N VAL A 86 2.59 9.57 6.08
CA VAL A 86 2.81 8.94 4.78
C VAL A 86 3.69 7.72 4.97
N LYS A 87 4.52 7.76 6.01
CA LYS A 87 5.41 6.63 6.30
C LYS A 87 4.61 5.39 6.67
N ASP A 88 3.58 5.53 7.50
CA ASP A 88 2.76 4.36 7.82
C ASP A 88 2.00 3.89 6.59
N TYR A 89 1.58 4.83 5.74
CA TYR A 89 0.90 4.45 4.51
C TYR A 89 1.82 3.66 3.61
N LEU A 90 3.04 4.14 3.43
CA LEU A 90 4.02 3.45 2.59
C LEU A 90 4.42 2.10 3.16
N ARG A 91 4.40 1.97 4.49
CA ARG A 91 4.55 0.66 5.11
C ARG A 91 3.57 -0.34 4.52
N ASP A 92 2.32 0.08 4.31
CA ASP A 92 1.31 -0.84 3.80
C ASP A 92 1.46 -1.08 2.31
N ILE A 93 1.83 -0.04 1.55
CA ILE A 93 2.24 -0.26 0.17
C ILE A 93 3.40 -1.25 0.11
N ASP A 94 4.39 -1.05 0.97
CA ASP A 94 5.54 -1.95 1.01
C ASP A 94 5.11 -3.38 1.33
N LEU A 95 4.18 -3.53 2.28
CA LEU A 95 3.66 -4.84 2.65
C LEU A 95 3.00 -5.52 1.46
N ILE A 96 2.22 -4.77 0.68
CA ILE A 96 1.61 -5.35 -0.52
C ILE A 96 2.68 -5.91 -1.43
N CYS A 97 3.73 -5.13 -1.66
CA CYS A 97 4.79 -5.56 -2.55
C CYS A 97 5.55 -6.74 -1.95
N SER A 98 5.92 -6.63 -0.69
CA SER A 98 6.75 -7.67 -0.11
C SER A 98 5.98 -8.97 0.05
N ASN A 99 4.67 -8.89 0.32
CA ASN A 99 3.85 -10.11 0.33
C ASN A 99 3.92 -10.81 -1.01
N ALA A 100 3.70 -10.04 -2.09
CA ALA A 100 3.71 -10.64 -3.43
C ALA A 100 5.06 -11.26 -3.76
N LEU A 101 6.15 -10.65 -3.29
CA LEU A 101 7.47 -11.23 -3.55
C LEU A 101 7.73 -12.45 -2.68
N GLU A 102 7.20 -12.46 -1.48
CA GLU A 102 7.39 -13.61 -0.62
C GLU A 102 6.51 -14.77 -1.04
N TYR A 103 5.29 -14.49 -1.51
CA TYR A 103 4.39 -15.58 -1.82
C TYR A 103 4.65 -16.14 -3.21
N ASN A 104 4.76 -15.29 -4.22
CA ASN A 104 4.74 -15.78 -5.58
C ASN A 104 6.09 -16.33 -5.98
N PRO A 105 6.18 -17.59 -6.38
CA PRO A 105 7.45 -18.11 -6.90
C PRO A 105 7.82 -17.42 -8.19
N ASP A 106 9.01 -17.72 -8.70
CA ASP A 106 9.53 -17.07 -9.89
C ASP A 106 9.71 -18.08 -11.01
N ARG A 107 8.64 -18.80 -11.37
CA ARG A 107 8.73 -19.79 -12.44
C ARG A 107 8.01 -19.31 -13.70
N ASP A 108 6.68 -19.34 -13.67
CA ASP A 108 5.85 -19.03 -14.83
C ASP A 108 6.04 -17.58 -15.28
N PRO A 109 5.61 -17.27 -16.50
CA PRO A 109 5.49 -15.85 -16.87
C PRO A 109 4.47 -15.12 -16.02
N GLY A 110 3.34 -15.75 -15.70
CA GLY A 110 2.38 -15.11 -14.82
C GLY A 110 2.94 -14.80 -13.45
N ASP A 111 3.85 -15.66 -12.97
CA ASP A 111 4.48 -15.41 -11.69
C ASP A 111 5.42 -14.21 -11.78
N ARG A 112 6.23 -14.15 -12.83
CA ARG A 112 7.12 -13.01 -13.04
C ARG A 112 6.32 -11.73 -13.17
N LEU A 113 5.25 -11.77 -13.95
CA LEU A 113 4.43 -10.59 -14.19
C LEU A 113 3.91 -10.01 -12.88
N ILE A 114 3.39 -10.86 -11.97
CA ILE A 114 2.82 -10.29 -10.76
C ILE A 114 3.93 -9.78 -9.84
N ARG A 115 5.09 -10.44 -9.85
CA ARG A 115 6.21 -9.94 -9.04
C ARG A 115 6.72 -8.60 -9.57
N HIS A 116 6.86 -8.44 -10.89
CA HIS A 116 7.27 -7.14 -11.43
CA HIS A 116 7.29 -7.14 -11.40
C HIS A 116 6.23 -6.07 -11.13
N ARG A 117 4.95 -6.43 -11.25
CA ARG A 117 3.89 -5.50 -10.94
C ARG A 117 3.96 -5.04 -9.49
N ALA A 118 4.28 -5.96 -8.58
CA ALA A 118 4.41 -5.59 -7.17
C ALA A 118 5.50 -4.56 -6.96
N CYS A 119 6.65 -4.74 -7.62
CA CYS A 119 7.71 -3.74 -7.55
C CYS A 119 7.27 -2.43 -8.18
N ALA A 120 6.60 -2.50 -9.34
CA ALA A 120 6.13 -1.30 -10.01
C ALA A 120 5.12 -0.56 -9.16
N LEU A 121 4.30 -1.30 -8.39
CA LEU A 121 3.37 -0.64 -7.49
C LEU A 121 4.12 0.17 -6.44
N ARG A 122 5.10 -0.47 -5.80
CA ARG A 122 5.91 0.22 -4.80
C ARG A 122 6.65 1.40 -5.42
N ASP A 123 7.27 1.20 -6.59
CA ASP A 123 8.03 2.27 -7.22
C ASP A 123 7.14 3.45 -7.59
N THR A 124 5.91 3.17 -8.03
CA THR A 124 5.02 4.24 -8.47
C THR A 124 4.51 5.05 -7.29
N ALA A 125 4.14 4.36 -6.21
CA ALA A 125 3.73 5.05 -4.99
C ALA A 125 4.85 5.94 -4.47
N TYR A 126 6.06 5.41 -4.41
CA TYR A 126 7.19 6.20 -3.94
C TYR A 126 7.48 7.37 -4.87
N ALA A 127 7.43 7.15 -6.19
CA ALA A 127 7.66 8.26 -7.12
C ALA A 127 6.62 9.35 -6.94
N ILE A 128 5.35 8.98 -6.82
CA ILE A 128 4.30 9.96 -6.63
C ILE A 128 4.55 10.75 -5.35
N ILE A 129 4.93 10.04 -4.28
CA ILE A 129 5.10 10.69 -3.00
C ILE A 129 6.34 11.57 -3.00
N LYS A 130 7.45 11.07 -3.56
CA LYS A 130 8.63 11.91 -3.73
C LYS A 130 8.32 13.17 -4.50
N GLU A 131 7.46 13.08 -5.52
CA GLU A 131 7.21 14.23 -6.37
C GLU A 131 6.17 15.18 -5.78
N GLU A 132 5.19 14.68 -5.02
CA GLU A 132 4.07 15.52 -4.62
C GLU A 132 4.03 15.89 -3.15
N LEU A 133 4.75 15.17 -2.29
CA LEU A 133 4.62 15.35 -0.85
C LEU A 133 5.64 16.35 -0.33
N ASP A 134 5.16 17.38 0.36
CA ASP A 134 6.03 18.31 1.04
C ASP A 134 6.71 17.62 2.23
N GLU A 135 8.04 17.67 2.26
CA GLU A 135 8.77 16.95 3.31
C GLU A 135 8.50 17.54 4.69
N ASP A 136 8.32 18.86 4.78
CA ASP A 136 8.03 19.47 6.09
C ASP A 136 6.60 19.20 6.53
N PHE A 137 5.69 18.99 5.58
CA PHE A 137 4.35 18.53 5.95
C PHE A 137 4.40 17.11 6.48
N GLU A 138 5.16 16.23 5.82
CA GLU A 138 5.31 14.87 6.33
C GLU A 138 6.01 14.87 7.70
N GLN A 139 7.07 15.67 7.83
CA GLN A 139 7.79 15.71 9.10
C GLN A 139 6.90 16.19 10.23
N LEU A 140 6.05 17.18 9.96
CA LEU A 140 5.05 17.61 10.94
C LEU A 140 4.12 16.44 11.30
N ALA A 141 3.64 15.70 10.31
CA ALA A 141 2.75 14.58 10.60
C ALA A 141 3.43 13.59 11.54
N GLU A 142 4.66 13.20 11.21
CA GLU A 142 5.39 12.21 12.00
C GLU A 142 5.59 12.70 13.42
N GLU A 143 5.84 13.99 13.60
CA GLU A 143 6.16 14.50 14.93
C GLU A 143 4.89 14.73 15.75
N ILE A 144 3.75 15.01 15.12
CA ILE A 144 2.50 14.99 15.86
C ILE A 144 2.19 13.58 16.33
N GLN A 145 2.40 12.59 15.45
CA GLN A 145 2.17 11.20 15.84
C GLN A 145 3.05 10.79 17.01
N GLU A 146 4.28 11.32 17.06
CA GLU A 146 5.20 10.99 18.15
C GLU A 146 4.62 11.44 19.48
N SER A 147 4.40 12.76 19.62
CA SER A 147 3.98 13.32 20.89
C SER A 147 2.70 12.64 21.40
N ARG A 148 1.84 12.19 20.49
CA ARG A 148 0.67 11.40 20.86
C ARG A 148 1.04 9.95 21.18
N CYS B 1 8.64 -19.45 -0.74
CA CYS B 1 7.54 -19.01 -1.58
C CYS B 1 6.34 -19.96 -1.48
N GLY B 2 5.19 -19.50 -1.96
CA GLY B 2 4.00 -20.32 -1.98
C GLY B 2 3.92 -21.14 -3.26
N ARG B 3 2.76 -21.76 -3.46
CA ARG B 3 2.56 -22.56 -4.66
C ARG B 3 2.49 -21.68 -5.90
N GLY B 4 1.79 -20.55 -5.80
CA GLY B 4 1.59 -19.66 -6.94
C GLY B 4 0.13 -19.62 -7.34
OH ALY B 5 0.03 -12.31 -4.69
CH ALY B 5 -1.08 -11.97 -5.06
CH3 ALY B 5 -1.57 -10.54 -5.04
NZ ALY B 5 -1.91 -12.87 -5.54
CE ALY B 5 -1.49 -14.26 -5.59
CD ALY B 5 -2.11 -14.93 -6.81
CG ALY B 5 -1.55 -16.31 -7.02
CB ALY B 5 -2.08 -16.91 -8.31
CA ALY B 5 -1.69 -18.38 -8.34
N ALY B 5 -0.31 -18.52 -7.93
C ALY B 5 -1.93 -18.98 -9.70
O ALY B 5 -0.97 -19.42 -10.39
N GLY B 6 -3.20 -19.00 -10.11
CA GLY B 6 -3.57 -19.65 -11.37
C GLY B 6 -3.40 -21.15 -11.31
#